data_7W5M
#
_entry.id   7W5M
#
_cell.length_a   51.278
_cell.length_b   62.803
_cell.length_c   92.796
_cell.angle_alpha   90.000
_cell.angle_beta   90.000
_cell.angle_gamma   90.000
#
_symmetry.space_group_name_H-M   'P 21 21 21'
#
loop_
_entity.id
_entity.type
_entity.pdbx_description
1 polymer 'Tetratricopeptide repeat (TPR)-like superfamily protein'
2 polymer 'H3 alpha3 helix peptide'
3 non-polymer GLYCEROL
4 non-polymer 'TETRAETHYLENE GLYCOL'
5 non-polymer 'SULFATE ION'
6 water water
#
loop_
_entity_poly.entity_id
_entity_poly.type
_entity_poly.pdbx_seq_one_letter_code
_entity_poly.pdbx_strand_id
1 'polypeptide(L)'
;NNAADSAATEVCDEEREKTLEFAEELTEKGSVFLKENDFAEAVDCFSRALEIRVAHYGELDAECINAYYRYGLALLAKAQ
AEADPLGNMPLSDADGDADEDESDLDMAWKMLDIARVITDKQSTETMEKVDILCSLAEVSLEREDIESSLSDYKNALSIL
ERLVEPDSRRTAELNFRICICLETGCQPKEAIPYCQKALLICKARMERLSNEIKGASGSATSSSASDKEVEIGDLAGLAE
DLEKKLEDLKQQAENPKQVLAELMGMVS
;
A
2 'polypeptide(L)' RVTIMPKDIQLARRIRGERA B
#
# COMPACT_ATOMS: atom_id res chain seq x y z
N LYS A 18 -32.15 -7.81 -0.55
CA LYS A 18 -31.97 -8.55 -1.80
C LYS A 18 -31.76 -7.62 -2.99
N THR A 19 -32.24 -6.38 -2.88
CA THR A 19 -32.13 -5.44 -3.99
C THR A 19 -30.79 -4.72 -3.96
N LEU A 20 -30.43 -4.12 -5.10
CA LEU A 20 -29.18 -3.38 -5.21
C LEU A 20 -29.18 -2.14 -4.34
N GLU A 21 -30.34 -1.49 -4.17
CA GLU A 21 -30.40 -0.34 -3.29
C GLU A 21 -30.11 -0.71 -1.84
N PHE A 22 -30.60 -1.87 -1.40
CA PHE A 22 -30.36 -2.33 -0.04
C PHE A 22 -28.89 -2.69 0.16
N ALA A 23 -28.25 -3.25 -0.87
CA ALA A 23 -26.81 -3.43 -0.83
C ALA A 23 -26.10 -2.09 -0.73
N GLU A 24 -26.64 -1.06 -1.39
CA GLU A 24 -26.03 0.27 -1.29
C GLU A 24 -26.16 0.84 0.12
N GLU A 25 -27.33 0.65 0.75
CA GLU A 25 -27.50 1.05 2.13
C GLU A 25 -26.52 0.33 3.05
N LEU A 26 -26.37 -1.00 2.85
CA LEU A 26 -25.39 -1.77 3.62
C LEU A 26 -23.98 -1.25 3.41
N THR A 27 -23.65 -0.82 2.20
CA THR A 27 -22.30 -0.31 1.93
C THR A 27 -22.06 1.02 2.65
N GLU A 28 -23.03 1.93 2.61
CA GLU A 28 -22.88 3.20 3.31
C GLU A 28 -22.78 3.00 4.81
N LYS A 29 -23.61 2.11 5.36
CA LYS A 29 -23.53 1.86 6.80
C LYS A 29 -22.22 1.16 7.15
N GLY A 30 -21.76 0.22 6.31
CA GLY A 30 -20.47 -0.40 6.57
C GLY A 30 -19.33 0.62 6.61
N SER A 31 -19.37 1.60 5.69
CA SER A 31 -18.37 2.65 5.71
C SER A 31 -18.41 3.45 7.02
N VAL A 32 -19.62 3.78 7.46
CA VAL A 32 -19.75 4.51 8.72
C VAL A 32 -19.21 3.69 9.89
N PHE A 33 -19.57 2.41 9.93
CA PHE A 33 -19.11 1.54 11.00
C PHE A 33 -17.59 1.45 11.00
N LEU A 34 -17.01 1.38 9.80
CA LEU A 34 -15.56 1.28 9.71
C LEU A 34 -14.90 2.56 10.22
N LYS A 35 -15.45 3.73 9.88
CA LYS A 35 -14.86 4.97 10.39
C LYS A 35 -14.95 5.03 11.91
N GLU A 36 -16.03 4.49 12.49
CA GLU A 36 -16.24 4.51 13.94
C GLU A 36 -15.53 3.37 14.67
N ASN A 37 -14.62 2.65 14.01
CA ASN A 37 -13.87 1.53 14.59
C ASN A 37 -14.80 0.41 15.11
N ASP A 38 -16.00 0.28 14.53
CA ASP A 38 -16.87 -0.88 14.74
C ASP A 38 -16.59 -1.92 13.65
N PHE A 39 -15.47 -2.63 13.83
CA PHE A 39 -14.94 -3.46 12.75
C PHE A 39 -15.82 -4.68 12.49
N ALA A 40 -16.36 -5.28 13.55
CA ALA A 40 -17.21 -6.45 13.38
C ALA A 40 -18.45 -6.11 12.55
N GLU A 41 -19.15 -5.03 12.92
CA GLU A 41 -20.36 -4.68 12.18
C GLU A 41 -20.04 -4.19 10.76
N ALA A 42 -18.91 -3.51 10.58
CA ALA A 42 -18.48 -3.12 9.24
C ALA A 42 -18.28 -4.33 8.35
N VAL A 43 -17.59 -5.35 8.86
CA VAL A 43 -17.38 -6.57 8.07
C VAL A 43 -18.73 -7.24 7.78
N ASP A 44 -19.66 -7.21 8.73
CA ASP A 44 -20.96 -7.84 8.47
C ASP A 44 -21.71 -7.12 7.34
N CYS A 45 -21.73 -5.78 7.39
CA CYS A 45 -22.40 -5.00 6.34
C CYS A 45 -21.77 -5.27 4.97
N PHE A 46 -20.44 -5.19 4.89
CA PHE A 46 -19.78 -5.36 3.61
C PHE A 46 -19.94 -6.79 3.08
N SER A 47 -19.95 -7.77 3.99
CA SER A 47 -20.23 -9.15 3.59
C SER A 47 -21.59 -9.26 2.91
N ARG A 48 -22.61 -8.68 3.53
CA ARG A 48 -23.95 -8.78 2.98
C ARG A 48 -24.05 -8.04 1.64
N ALA A 49 -23.49 -6.83 1.56
CA ALA A 49 -23.51 -6.09 0.30
C ALA A 49 -22.86 -6.89 -0.82
N LEU A 50 -21.70 -7.51 -0.54
CA LEU A 50 -21.03 -8.32 -1.53
C LEU A 50 -21.89 -9.49 -1.99
N GLU A 51 -22.53 -10.18 -1.05
CA GLU A 51 -23.34 -11.33 -1.43
C GLU A 51 -24.48 -10.91 -2.36
N ILE A 52 -25.14 -9.80 -2.04
CA ILE A 52 -26.21 -9.31 -2.91
C ILE A 52 -25.66 -8.98 -4.31
N ARG A 53 -24.54 -8.27 -4.36
CA ARG A 53 -23.96 -7.89 -5.66
C ARG A 53 -23.56 -9.13 -6.48
N VAL A 54 -23.00 -10.16 -5.82
CA VAL A 54 -22.61 -11.36 -6.54
C VAL A 54 -23.85 -12.09 -7.06
N ALA A 55 -24.91 -12.17 -6.24
CA ALA A 55 -26.14 -12.81 -6.69
C ALA A 55 -26.74 -12.08 -7.89
N HIS A 56 -26.56 -10.77 -7.98
CA HIS A 56 -27.11 -10.03 -9.11
C HIS A 56 -26.22 -10.14 -10.35
N TYR A 57 -24.91 -9.96 -10.19
CA TYR A 57 -23.99 -9.80 -11.32
C TYR A 57 -23.06 -10.99 -11.57
N GLY A 58 -22.90 -11.89 -10.61
CA GLY A 58 -21.96 -12.98 -10.84
C GLY A 58 -20.69 -12.84 -9.99
N GLU A 59 -20.13 -13.99 -9.64
CA GLU A 59 -19.07 -14.05 -8.64
C GLU A 59 -17.79 -13.36 -9.13
N LEU A 60 -17.56 -13.30 -10.43
CA LEU A 60 -16.32 -12.78 -11.00
C LEU A 60 -16.59 -11.65 -11.98
N ASP A 61 -17.69 -10.94 -11.79
CA ASP A 61 -18.06 -9.84 -12.65
C ASP A 61 -17.42 -8.52 -12.22
N ALA A 62 -17.14 -7.66 -13.21
CA ALA A 62 -16.54 -6.36 -12.96
C ALA A 62 -17.37 -5.52 -11.99
N GLU A 63 -18.69 -5.63 -12.06
CA GLU A 63 -19.58 -4.88 -11.18
C GLU A 63 -19.38 -5.21 -9.70
N CYS A 64 -18.69 -6.30 -9.37
CA CYS A 64 -18.48 -6.66 -7.98
C CYS A 64 -17.14 -6.22 -7.42
N ILE A 65 -16.26 -5.64 -8.26
CA ILE A 65 -14.90 -5.34 -7.82
C ILE A 65 -14.91 -4.51 -6.54
N ASN A 66 -15.65 -3.40 -6.56
CA ASN A 66 -15.67 -2.49 -5.43
C ASN A 66 -16.13 -3.21 -4.18
N ALA A 67 -17.17 -4.03 -4.29
CA ALA A 67 -17.70 -4.70 -3.11
C ALA A 67 -16.69 -5.70 -2.56
N TYR A 68 -15.93 -6.37 -3.43
CA TYR A 68 -14.89 -7.24 -2.91
C TYR A 68 -13.84 -6.40 -2.19
N TYR A 69 -13.45 -5.27 -2.80
CA TYR A 69 -12.39 -4.46 -2.23
C TYR A 69 -12.79 -3.94 -0.85
N ARG A 70 -13.97 -3.33 -0.74
CA ARG A 70 -14.44 -2.83 0.55
C ARG A 70 -14.41 -3.94 1.59
N TYR A 71 -14.88 -5.14 1.20
CA TYR A 71 -14.94 -6.24 2.15
C TYR A 71 -13.53 -6.61 2.58
N GLY A 72 -12.63 -6.75 1.61
CA GLY A 72 -11.25 -7.05 1.93
C GLY A 72 -10.67 -6.01 2.86
N LEU A 73 -10.94 -4.72 2.57
CA LEU A 73 -10.36 -3.68 3.42
C LEU A 73 -10.88 -3.81 4.83
N ALA A 74 -12.21 -4.03 4.97
CA ALA A 74 -12.76 -4.12 6.32
C ALA A 74 -12.16 -5.32 7.05
N LEU A 75 -12.00 -6.44 6.34
CA LEU A 75 -11.43 -7.60 6.99
C LEU A 75 -10.01 -7.29 7.45
N LEU A 76 -9.22 -6.64 6.59
CA LEU A 76 -7.87 -6.28 7.01
C LEU A 76 -7.91 -5.44 8.28
N ALA A 77 -8.79 -4.42 8.29
CA ALA A 77 -8.90 -3.54 9.45
C ALA A 77 -9.23 -4.37 10.69
N LYS A 78 -10.19 -5.29 10.55
CA LYS A 78 -10.61 -6.12 11.69
C LYS A 78 -9.45 -6.96 12.19
N ALA A 79 -8.73 -7.60 11.26
CA ALA A 79 -7.64 -8.47 11.68
C ALA A 79 -6.56 -7.67 12.38
N GLN A 80 -6.35 -6.43 11.93
CA GLN A 80 -5.34 -5.62 12.59
C GLN A 80 -5.78 -5.23 13.98
N ALA A 81 -7.07 -4.93 14.15
CA ALA A 81 -7.46 -4.44 15.47
C ALA A 81 -7.59 -5.57 16.50
N GLU A 82 -7.88 -6.80 16.05
CA GLU A 82 -8.10 -7.89 16.97
C GLU A 82 -6.83 -8.68 17.27
N ALA A 83 -5.70 -8.32 16.68
CA ALA A 83 -4.44 -8.96 17.02
C ALA A 83 -3.81 -8.31 18.26
N ASP A 84 -3.19 -9.13 19.10
CA ASP A 84 -2.33 -8.58 20.15
C ASP A 84 -0.88 -8.89 19.80
N PRO A 85 -0.01 -7.88 19.65
CA PRO A 85 1.40 -8.15 19.34
C PRO A 85 2.06 -9.16 20.27
N LEU A 86 1.67 -9.20 21.55
CA LEU A 86 2.31 -10.13 22.47
C LEU A 86 1.86 -11.58 22.25
N GLY A 87 0.85 -11.80 21.42
CA GLY A 87 0.28 -13.12 21.25
C GLY A 87 -1.24 -13.07 21.33
N ASP A 99 -8.44 -19.18 15.21
CA ASP A 99 -8.25 -17.81 15.66
C ASP A 99 -8.96 -16.83 14.73
N GLU A 100 -9.72 -15.89 15.30
CA GLU A 100 -10.42 -14.91 14.48
C GLU A 100 -9.43 -14.07 13.67
N ASP A 101 -8.24 -13.78 14.23
CA ASP A 101 -7.30 -12.89 13.55
C ASP A 101 -6.74 -13.50 12.27
N GLU A 102 -6.22 -14.72 12.35
CA GLU A 102 -5.66 -15.39 11.18
C GLU A 102 -6.74 -15.72 10.15
N SER A 103 -7.94 -16.07 10.62
CA SER A 103 -9.03 -16.34 9.69
C SER A 103 -9.44 -15.07 8.94
N ASP A 104 -9.51 -13.94 9.65
CA ASP A 104 -9.86 -12.70 8.99
C ASP A 104 -8.76 -12.28 8.01
N LEU A 105 -7.48 -12.52 8.35
CA LEU A 105 -6.42 -12.20 7.40
C LEU A 105 -6.54 -13.06 6.14
N ASP A 106 -6.75 -14.36 6.31
CA ASP A 106 -6.89 -15.24 5.15
C ASP A 106 -8.08 -14.83 4.30
N MET A 107 -9.18 -14.41 4.92
CA MET A 107 -10.34 -14.00 4.14
C MET A 107 -10.09 -12.65 3.46
N ALA A 108 -9.38 -11.74 4.13
CA ALA A 108 -8.99 -10.49 3.48
C ALA A 108 -8.15 -10.77 2.24
N TRP A 109 -7.16 -11.66 2.39
CA TRP A 109 -6.40 -12.06 1.22
C TRP A 109 -7.32 -12.55 0.11
N LYS A 110 -8.28 -13.43 0.45
CA LYS A 110 -9.11 -14.03 -0.60
C LYS A 110 -9.93 -12.96 -1.32
N MET A 111 -10.54 -12.05 -0.58
CA MET A 111 -11.44 -11.08 -1.18
C MET A 111 -10.67 -10.06 -2.01
N LEU A 112 -9.52 -9.59 -1.49
CA LEU A 112 -8.73 -8.65 -2.29
C LEU A 112 -8.15 -9.32 -3.52
N ASP A 113 -7.78 -10.60 -3.39
CA ASP A 113 -7.23 -11.31 -4.54
C ASP A 113 -8.29 -11.57 -5.59
N ILE A 114 -9.54 -11.79 -5.19
CA ILE A 114 -10.60 -11.88 -6.19
C ILE A 114 -10.79 -10.52 -6.86
N ALA A 115 -10.82 -9.44 -6.07
CA ALA A 115 -10.92 -8.11 -6.68
C ALA A 115 -9.81 -7.92 -7.71
N ARG A 116 -8.59 -8.36 -7.37
CA ARG A 116 -7.48 -8.24 -8.30
C ARG A 116 -7.70 -9.06 -9.56
N VAL A 117 -8.09 -10.34 -9.40
CA VAL A 117 -8.23 -11.20 -10.56
C VAL A 117 -9.31 -10.67 -11.50
N ILE A 118 -10.41 -10.16 -10.95
CA ILE A 118 -11.46 -9.58 -11.80
C ILE A 118 -10.91 -8.35 -12.52
N THR A 119 -10.21 -7.48 -11.78
CA THR A 119 -9.59 -6.31 -12.38
C THR A 119 -8.68 -6.69 -13.54
N ASP A 120 -8.00 -7.85 -13.42
CA ASP A 120 -7.05 -8.28 -14.43
C ASP A 120 -7.68 -8.55 -15.78
N LYS A 121 -9.01 -8.68 -15.84
CA LYS A 121 -9.71 -8.90 -17.10
C LYS A 121 -10.10 -7.61 -17.81
N GLN A 122 -9.82 -6.47 -17.20
CA GLN A 122 -10.10 -5.18 -17.81
C GLN A 122 -8.90 -4.69 -18.63
N SER A 123 -9.20 -3.98 -19.73
CA SER A 123 -8.16 -3.55 -20.66
C SER A 123 -7.22 -2.53 -20.03
N THR A 124 -7.77 -1.48 -19.42
CA THR A 124 -6.94 -0.43 -18.84
C THR A 124 -6.74 -0.68 -17.36
N GLU A 125 -5.50 -0.51 -16.91
CA GLU A 125 -5.16 -0.61 -15.50
C GLU A 125 -5.35 0.75 -14.83
N THR A 126 -5.95 0.74 -13.65
CA THR A 126 -6.35 1.97 -13.00
C THR A 126 -5.71 2.07 -11.62
N MET A 127 -5.98 3.19 -10.95
CA MET A 127 -5.48 3.38 -9.61
C MET A 127 -6.14 2.41 -8.63
N GLU A 128 -7.37 1.99 -8.90
CA GLU A 128 -7.98 0.96 -8.06
C GLU A 128 -7.16 -0.32 -8.04
N LYS A 129 -6.62 -0.74 -9.17
CA LYS A 129 -5.70 -1.89 -9.20
C LYS A 129 -4.43 -1.63 -8.38
N VAL A 130 -3.83 -0.44 -8.53
CA VAL A 130 -2.69 -0.07 -7.70
C VAL A 130 -3.03 -0.24 -6.23
N ASP A 131 -4.20 0.28 -5.84
CA ASP A 131 -4.61 0.26 -4.44
C ASP A 131 -4.88 -1.16 -3.97
N ILE A 132 -5.55 -1.96 -4.79
CA ILE A 132 -5.79 -3.35 -4.43
C ILE A 132 -4.46 -4.04 -4.18
N LEU A 133 -3.48 -3.81 -5.07
CA LEU A 133 -2.16 -4.43 -4.92
C LEU A 133 -1.46 -3.96 -3.65
N CYS A 134 -1.64 -2.69 -3.28
CA CYS A 134 -1.04 -2.21 -2.03
C CYS A 134 -1.74 -2.82 -0.81
N SER A 135 -3.05 -2.98 -0.88
CA SER A 135 -3.77 -3.66 0.20
C SER A 135 -3.35 -5.12 0.32
N LEU A 136 -3.13 -5.80 -0.82
CA LEU A 136 -2.63 -7.16 -0.76
C LEU A 136 -1.25 -7.20 -0.15
N ALA A 137 -0.40 -6.20 -0.48
CA ALA A 137 0.93 -6.17 0.11
C ALA A 137 0.83 -6.07 1.63
N GLU A 138 -0.11 -5.25 2.12
CA GLU A 138 -0.23 -5.08 3.56
C GLU A 138 -0.74 -6.37 4.23
N VAL A 139 -1.73 -7.05 3.61
CA VAL A 139 -2.11 -8.37 4.09
C VAL A 139 -0.89 -9.27 4.21
N SER A 140 -0.07 -9.31 3.15
CA SER A 140 1.09 -10.20 3.16
C SER A 140 2.06 -9.84 4.27
N LEU A 141 2.22 -8.54 4.54
CA LEU A 141 3.07 -8.13 5.66
C LEU A 141 2.51 -8.64 6.98
N GLU A 142 1.19 -8.54 7.16
CA GLU A 142 0.61 -9.04 8.41
C GLU A 142 0.78 -10.54 8.53
N ARG A 143 0.74 -11.27 7.41
CA ARG A 143 1.03 -12.70 7.40
C ARG A 143 2.53 -13.01 7.47
N GLU A 144 3.38 -11.99 7.58
CA GLU A 144 4.84 -12.15 7.60
C GLU A 144 5.35 -12.86 6.34
N ASP A 145 4.81 -12.47 5.18
CA ASP A 145 5.22 -12.98 3.88
C ASP A 145 5.80 -11.80 3.09
N ILE A 146 7.12 -11.58 3.23
CA ILE A 146 7.74 -10.41 2.63
C ILE A 146 7.83 -10.55 1.11
N GLU A 147 8.02 -11.77 0.61
CA GLU A 147 8.16 -11.95 -0.85
C GLU A 147 6.90 -11.51 -1.59
N SER A 148 5.75 -11.99 -1.12
CA SER A 148 4.50 -11.61 -1.77
C SER A 148 4.31 -10.11 -1.71
N SER A 149 4.57 -9.50 -0.56
CA SER A 149 4.35 -8.07 -0.46
C SER A 149 5.27 -7.32 -1.43
N LEU A 150 6.49 -7.84 -1.60
CA LEU A 150 7.43 -7.25 -2.54
C LEU A 150 6.87 -7.28 -3.96
N SER A 151 6.34 -8.44 -4.38
CA SER A 151 5.79 -8.56 -5.73
C SER A 151 4.60 -7.65 -5.93
N ASP A 152 3.71 -7.61 -4.93
CA ASP A 152 2.57 -6.70 -4.97
C ASP A 152 3.00 -5.25 -5.16
N TYR A 153 3.98 -4.80 -4.35
CA TYR A 153 4.40 -3.39 -4.45
C TYR A 153 5.06 -3.12 -5.80
N LYS A 154 5.89 -4.05 -6.28
CA LYS A 154 6.55 -3.83 -7.57
C LYS A 154 5.53 -3.72 -8.70
N ASN A 155 4.52 -4.58 -8.66
CA ASN A 155 3.43 -4.52 -9.64
C ASN A 155 2.71 -3.16 -9.56
N ALA A 156 2.34 -2.76 -8.35
CA ALA A 156 1.67 -1.47 -8.17
C ALA A 156 2.53 -0.32 -8.69
N LEU A 157 3.84 -0.36 -8.45
CA LEU A 157 4.71 0.72 -8.91
C LEU A 157 4.78 0.76 -10.42
N SER A 158 4.87 -0.40 -11.06
CA SER A 158 4.95 -0.42 -12.51
C SER A 158 3.66 0.13 -13.13
N ILE A 159 2.51 -0.08 -12.50
CA ILE A 159 1.28 0.56 -12.99
C ILE A 159 1.34 2.08 -12.77
N LEU A 160 1.79 2.48 -11.58
CA LEU A 160 1.84 3.90 -11.24
C LEU A 160 2.74 4.68 -12.19
N GLU A 161 3.80 4.05 -12.65
CA GLU A 161 4.70 4.73 -13.57
C GLU A 161 4.06 5.01 -14.92
N ARG A 162 2.93 4.37 -15.23
CA ARG A 162 2.13 4.71 -16.40
C ARG A 162 1.03 5.70 -16.07
N LEU A 163 0.49 5.66 -14.84
CA LEU A 163 -0.66 6.51 -14.54
C LEU A 163 -0.29 7.95 -14.19
N VAL A 164 0.80 8.19 -13.47
CA VAL A 164 1.07 9.51 -12.89
C VAL A 164 2.47 9.99 -13.26
N GLU A 165 2.68 11.32 -13.09
CA GLU A 165 3.93 12.01 -13.39
C GLU A 165 5.15 11.31 -12.79
N PRO A 166 6.31 11.41 -13.41
CA PRO A 166 7.51 10.72 -12.89
C PRO A 166 7.90 11.17 -11.48
N ASP A 167 7.63 12.41 -11.07
CA ASP A 167 7.96 12.88 -9.73
C ASP A 167 6.74 12.89 -8.80
N SER A 168 5.80 12.00 -9.02
CA SER A 168 4.63 11.89 -8.15
C SER A 168 5.06 11.39 -6.76
N ARG A 169 4.40 11.92 -5.74
CA ARG A 169 4.68 11.49 -4.37
C ARG A 169 4.28 10.04 -4.14
N ARG A 170 3.27 9.57 -4.84
CA ARG A 170 2.84 8.17 -4.68
C ARG A 170 3.90 7.23 -5.25
N THR A 171 4.50 7.60 -6.39
CA THR A 171 5.62 6.83 -6.91
C THR A 171 6.80 6.81 -5.93
N ALA A 172 7.15 7.97 -5.34
CA ALA A 172 8.21 7.98 -4.34
C ALA A 172 7.86 7.06 -3.16
N GLU A 173 6.60 7.11 -2.71
CA GLU A 173 6.18 6.31 -1.57
C GLU A 173 6.31 4.83 -1.85
N LEU A 174 5.89 4.39 -3.04
CA LEU A 174 5.98 2.97 -3.37
C LEU A 174 7.43 2.52 -3.50
N ASN A 175 8.31 3.38 -4.06
CA ASN A 175 9.73 3.05 -4.05
C ASN A 175 10.22 2.83 -2.62
N PHE A 176 9.80 3.70 -1.71
CA PHE A 176 10.29 3.57 -0.34
C PHE A 176 9.75 2.32 0.32
N ARG A 177 8.47 2.03 0.14
CA ARG A 177 7.90 0.80 0.72
C ARG A 177 8.61 -0.43 0.18
N ILE A 178 8.95 -0.44 -1.11
CA ILE A 178 9.74 -1.55 -1.63
C ILE A 178 11.08 -1.63 -0.90
N CYS A 179 11.75 -0.49 -0.70
CA CYS A 179 13.08 -0.62 -0.12
C CYS A 179 13.00 -1.08 1.33
N ILE A 180 11.94 -0.71 2.06
CA ILE A 180 11.89 -1.18 3.45
C ILE A 180 11.47 -2.65 3.51
N CYS A 181 10.63 -3.11 2.58
CA CYS A 181 10.35 -4.56 2.51
C CYS A 181 11.63 -5.33 2.25
N LEU A 182 12.47 -4.83 1.36
CA LEU A 182 13.73 -5.50 1.05
C LEU A 182 14.69 -5.45 2.24
N GLU A 183 14.71 -4.33 2.96
CA GLU A 183 15.56 -4.23 4.14
C GLU A 183 15.12 -5.25 5.20
N THR A 184 13.83 -5.26 5.52
CA THR A 184 13.36 -6.20 6.53
C THR A 184 13.55 -7.64 6.08
N GLY A 185 13.71 -7.88 4.78
CA GLY A 185 13.92 -9.20 4.23
C GLY A 185 15.38 -9.53 4.00
N CYS A 186 16.27 -8.76 4.63
CA CYS A 186 17.71 -9.02 4.60
C CYS A 186 18.31 -8.82 3.21
N GLN A 187 17.78 -7.88 2.44
CA GLN A 187 18.34 -7.56 1.12
C GLN A 187 18.62 -6.07 1.00
N PRO A 188 19.50 -5.53 1.86
CA PRO A 188 19.75 -4.08 1.82
C PRO A 188 20.42 -3.60 0.54
N LYS A 189 21.28 -4.42 -0.07
CA LYS A 189 21.87 -4.05 -1.35
C LYS A 189 20.78 -3.77 -2.36
N GLU A 190 19.76 -4.63 -2.40
CA GLU A 190 18.68 -4.47 -3.36
C GLU A 190 17.77 -3.32 -2.97
N ALA A 191 17.61 -3.05 -1.68
CA ALA A 191 16.81 -1.92 -1.24
C ALA A 191 17.41 -0.59 -1.67
N ILE A 192 18.75 -0.53 -1.79
CA ILE A 192 19.43 0.75 -2.07
C ILE A 192 18.84 1.50 -3.28
N PRO A 193 18.77 0.93 -4.48
CA PRO A 193 18.26 1.73 -5.62
C PRO A 193 16.81 2.20 -5.45
N TYR A 194 15.97 1.46 -4.73
CA TYR A 194 14.61 1.95 -4.49
C TYR A 194 14.61 3.18 -3.56
N CYS A 195 15.43 3.14 -2.51
CA CYS A 195 15.55 4.31 -1.64
C CYS A 195 16.14 5.50 -2.38
N GLN A 196 17.16 5.26 -3.21
CA GLN A 196 17.73 6.33 -4.02
C GLN A 196 16.69 6.93 -4.95
N LYS A 197 15.82 6.08 -5.53
CA LYS A 197 14.81 6.60 -6.45
C LYS A 197 13.82 7.48 -5.70
N ALA A 198 13.34 7.01 -4.54
CA ALA A 198 12.46 7.83 -3.72
C ALA A 198 13.09 9.19 -3.40
N LEU A 199 14.38 9.19 -3.04
CA LEU A 199 15.05 10.45 -2.69
C LEU A 199 15.14 11.38 -3.91
N LEU A 200 15.56 10.82 -5.05
CA LEU A 200 15.66 11.62 -6.27
C LEU A 200 14.29 12.14 -6.71
N ILE A 201 13.22 11.37 -6.48
CA ILE A 201 11.89 11.87 -6.83
C ILE A 201 11.54 13.08 -5.97
N CYS A 202 11.81 13.01 -4.66
CA CYS A 202 11.53 14.14 -3.78
C CYS A 202 12.30 15.39 -4.20
N LYS A 203 13.59 15.23 -4.53
CA LYS A 203 14.37 16.39 -4.94
C LYS A 203 13.93 16.92 -6.30
N ALA A 204 13.55 16.04 -7.24
CA ALA A 204 13.06 16.52 -8.52
C ALA A 204 11.77 17.31 -8.36
N ARG A 205 10.87 16.81 -7.50
CA ARG A 205 9.62 17.53 -7.28
C ARG A 205 9.89 18.88 -6.61
N MET A 206 10.88 18.93 -5.70
CA MET A 206 11.33 20.19 -5.14
C MET A 206 11.75 21.17 -6.23
N GLU A 207 12.63 20.73 -7.12
CA GLU A 207 13.14 21.63 -8.15
C GLU A 207 12.05 22.07 -9.11
N ARG A 208 11.09 21.18 -9.40
CA ARG A 208 9.98 21.55 -10.28
C ARG A 208 9.09 22.60 -9.64
N LEU A 209 8.73 22.41 -8.37
CA LEU A 209 7.95 23.44 -7.68
C LEU A 209 8.71 24.76 -7.61
N SER A 210 10.03 24.68 -7.35
CA SER A 210 10.86 25.87 -7.28
C SER A 210 10.84 26.63 -8.61
N ASN A 211 10.92 25.91 -9.73
CA ASN A 211 10.86 26.57 -11.02
C ASN A 211 9.47 27.15 -11.30
N GLU A 212 8.43 26.46 -10.85
CA GLU A 212 7.07 26.96 -11.06
C GLU A 212 6.83 28.26 -10.29
N ILE A 213 7.38 28.35 -9.08
CA ILE A 213 7.29 29.61 -8.34
C ILE A 213 7.99 30.74 -9.09
N LYS A 214 9.04 30.41 -9.84
CA LYS A 214 9.82 31.39 -10.58
C LYS A 214 9.03 32.01 -11.75
N SER A 224 -1.04 30.01 -3.11
CA SER A 224 -0.64 28.84 -3.89
C SER A 224 0.87 28.82 -4.09
N ALA A 225 1.44 30.00 -4.36
CA ALA A 225 2.89 30.13 -4.24
C ALA A 225 3.33 29.74 -2.85
N SER A 226 2.60 30.22 -1.84
CA SER A 226 2.84 29.80 -0.47
C SER A 226 2.66 28.27 -0.31
N ASP A 227 1.64 27.69 -0.95
CA ASP A 227 1.42 26.25 -0.84
C ASP A 227 2.59 25.47 -1.45
N LYS A 228 3.08 25.93 -2.59
CA LYS A 228 4.21 25.28 -3.24
C LYS A 228 5.48 25.38 -2.40
N GLU A 229 5.69 26.54 -1.77
CA GLU A 229 6.88 26.69 -0.94
C GLU A 229 6.80 25.84 0.33
N VAL A 230 5.60 25.73 0.91
CA VAL A 230 5.40 24.81 2.03
C VAL A 230 5.73 23.39 1.60
N GLU A 231 5.29 22.99 0.40
CA GLU A 231 5.57 21.63 -0.06
C GLU A 231 7.06 21.44 -0.31
N ILE A 232 7.75 22.46 -0.84
CA ILE A 232 9.20 22.37 -1.01
C ILE A 232 9.88 22.06 0.32
N GLY A 233 9.48 22.76 1.39
CA GLY A 233 10.07 22.46 2.69
C GLY A 233 9.73 21.07 3.18
N ASP A 234 8.48 20.66 3.01
CA ASP A 234 8.08 19.31 3.34
C ASP A 234 8.98 18.29 2.65
N LEU A 235 9.14 18.45 1.35
CA LEU A 235 9.95 17.51 0.56
C LEU A 235 11.41 17.55 0.96
N ALA A 236 11.92 18.70 1.38
CA ALA A 236 13.32 18.74 1.81
C ALA A 236 13.51 17.93 3.08
N GLY A 237 12.57 18.06 4.03
CA GLY A 237 12.63 17.22 5.22
C GLY A 237 12.54 15.74 4.89
N LEU A 238 11.61 15.37 4.00
CA LEU A 238 11.50 13.97 3.59
C LEU A 238 12.79 13.48 2.91
N ALA A 239 13.39 14.32 2.07
CA ALA A 239 14.64 13.95 1.42
C ALA A 239 15.72 13.65 2.44
N GLU A 240 15.82 14.48 3.50
CA GLU A 240 16.84 14.23 4.51
C GLU A 240 16.59 12.91 5.24
N ASP A 241 15.34 12.63 5.59
CA ASP A 241 15.01 11.32 6.19
C ASP A 241 15.40 10.17 5.25
N LEU A 242 15.15 10.32 3.94
CA LEU A 242 15.49 9.28 2.98
C LEU A 242 17.01 9.13 2.84
N GLU A 243 17.74 10.22 2.96
CA GLU A 243 19.19 10.17 2.90
C GLU A 243 19.76 9.44 4.11
N LYS A 244 19.18 9.65 5.29
CA LYS A 244 19.57 8.87 6.46
C LYS A 244 19.26 7.38 6.26
N LYS A 245 18.07 7.06 5.74
CA LYS A 245 17.75 5.66 5.46
C LYS A 245 18.75 5.06 4.48
N LEU A 246 19.15 5.82 3.48
CA LEU A 246 20.08 5.34 2.47
C LEU A 246 21.47 5.09 3.07
N GLU A 247 21.90 5.95 4.01
CA GLU A 247 23.15 5.70 4.71
C GLU A 247 23.09 4.39 5.50
N ASP A 248 21.98 4.18 6.22
CA ASP A 248 21.84 2.93 6.95
C ASP A 248 21.81 1.72 6.04
N LEU A 249 21.18 1.86 4.86
CA LEU A 249 21.12 0.72 3.93
C LEU A 249 22.52 0.41 3.38
N LYS A 250 23.28 1.42 2.99
CA LYS A 250 24.64 1.18 2.52
C LYS A 250 25.49 0.52 3.61
N GLN A 251 25.31 0.95 4.86
CA GLN A 251 26.05 0.29 5.94
C GLN A 251 25.63 -1.17 6.07
N GLN A 252 24.33 -1.45 6.02
CA GLN A 252 23.87 -2.83 6.17
C GLN A 252 24.39 -3.71 5.04
N ALA A 253 24.46 -3.15 3.82
CA ALA A 253 24.99 -3.89 2.69
C ALA A 253 26.48 -4.17 2.82
N GLU A 254 27.18 -3.40 3.67
CA GLU A 254 28.58 -3.72 3.94
C GLU A 254 28.80 -4.73 5.07
N ASN A 255 27.75 -5.24 5.68
CA ASN A 255 27.94 -6.25 6.72
C ASN A 255 28.66 -7.47 6.13
N PRO A 256 29.57 -8.10 6.88
CA PRO A 256 30.34 -9.23 6.31
C PRO A 256 29.49 -10.29 5.64
N LYS A 257 28.43 -10.78 6.31
CA LYS A 257 27.60 -11.81 5.68
C LYS A 257 26.90 -11.28 4.45
N GLN A 258 26.53 -9.99 4.42
CA GLN A 258 25.86 -9.44 3.25
C GLN A 258 26.82 -9.30 2.06
N VAL A 259 28.08 -8.96 2.31
CA VAL A 259 28.98 -8.54 1.24
C VAL A 259 30.00 -9.60 0.81
N LEU A 260 30.21 -10.64 1.63
CA LEU A 260 31.29 -11.60 1.37
C LEU A 260 31.15 -12.28 0.02
N ALA A 261 29.92 -12.69 -0.36
CA ALA A 261 29.74 -13.36 -1.65
C ALA A 261 30.25 -12.50 -2.79
N GLU A 262 29.91 -11.20 -2.79
CA GLU A 262 30.44 -10.30 -3.80
C GLU A 262 31.95 -10.18 -3.69
N LEU A 263 32.47 -10.06 -2.46
CA LEU A 263 33.93 -9.94 -2.29
C LEU A 263 34.64 -11.19 -2.77
N MET A 264 34.01 -12.35 -2.60
CA MET A 264 34.52 -13.61 -3.12
C MET A 264 34.20 -13.73 -4.60
N THR B 3 9.19 -7.55 10.85
CA THR B 3 8.57 -6.34 11.36
C THR B 3 9.17 -5.09 10.72
N ILE B 4 8.38 -4.03 10.61
CA ILE B 4 8.82 -2.77 10.03
C ILE B 4 8.76 -1.71 11.11
N MET B 5 9.85 -0.95 11.27
CA MET B 5 9.93 0.08 12.29
C MET B 5 8.81 1.11 12.12
N PRO B 6 8.19 1.55 13.22
CA PRO B 6 7.13 2.58 13.10
C PRO B 6 7.60 3.88 12.47
N LYS B 7 8.87 4.27 12.69
CA LYS B 7 9.36 5.47 12.00
C LYS B 7 9.30 5.30 10.48
N ASP B 8 9.52 4.08 9.98
CA ASP B 8 9.50 3.87 8.54
C ASP B 8 8.08 3.92 8.00
N ILE B 9 7.12 3.38 8.76
CA ILE B 9 5.71 3.51 8.40
C ILE B 9 5.31 4.98 8.34
N GLN B 10 5.71 5.76 9.35
CA GLN B 10 5.38 7.18 9.38
C GLN B 10 6.03 7.92 8.21
N LEU B 11 7.27 7.58 7.88
CA LEU B 11 7.93 8.24 6.76
C LEU B 11 7.24 7.90 5.44
N ALA B 12 6.79 6.65 5.28
CA ALA B 12 6.05 6.28 4.08
C ALA B 12 4.78 7.13 3.95
N ARG B 13 4.03 7.26 5.05
CA ARG B 13 2.82 8.08 5.00
C ARG B 13 3.13 9.54 4.71
N ARG B 14 4.21 10.07 5.31
CA ARG B 14 4.58 11.46 5.06
C ARG B 14 5.00 11.65 3.60
N ILE B 15 5.74 10.71 3.03
CA ILE B 15 6.11 10.79 1.62
C ILE B 15 4.86 10.85 0.76
N ARG B 16 3.94 9.90 0.98
CA ARG B 16 2.66 9.98 0.29
C ARG B 16 1.97 11.32 0.55
N GLY B 17 2.05 11.81 1.78
CA GLY B 17 1.37 13.05 2.14
C GLY B 17 -0.05 12.79 2.58
#